data_5KFQ
#
_entry.id   5KFQ
#
_cell.length_a   98.620
_cell.length_b   98.620
_cell.length_c   81.840
_cell.angle_alpha   90.000
_cell.angle_beta   90.000
_cell.angle_gamma   120.000
#
_symmetry.space_group_name_H-M   'P 61'
#
loop_
_entity.id
_entity.type
_entity.pdbx_description
1 polymer 'DNA polymerase eta'
2 polymer "DNA (5'-D(*CP*AP*TP*TP*AP*TP*GP*AP*CP*GP*CP*T)-3')"
3 polymer "DNA (5'-D(*AP*GP*CP*GP*TP*CP*AP*TP*(AS))-3')"
4 non-polymer 'MANGANESE (II) ION'
5 non-polymer 'CALCIUM ION'
6 non-polymer GLYCEROL
7 non-polymer "2'-DEOXYADENOSINE 5'-O-(1-THIOTRIPHOSPHATE)"
8 non-polymer DIPHOSPHATE
9 water water
#
loop_
_entity_poly.entity_id
_entity_poly.type
_entity_poly.pdbx_seq_one_letter_code
_entity_poly.pdbx_strand_id
1 'polypeptide(L)'
;GPHMATGQDRVVALVDMDCFFVQVEQRQNPHLRNKPCAVVQYKSWKGGGIIAVSYEARAFGVTRSMWADDAKKLCPDLLL
AQVRESRGKANLTKYREASVEVMEIMSRFAVIERASIDEAYVDLTSAVQERLQKLQGQPISADLLPSTYIEGLPQGPTTA
EETVQKEGMRKQGLFQWLDSLQIDNLTSPDLQLTVGAVIVEEMRAAIERETGFQCSAGISHNKVLAKLACGLNKPNRQTL
VSHGSVPQLFSQMPIRKIRSLGGKLGASVIEILGIEYMGELTQFTESQLQSHFGEKNGSWLYAMCRGIEHDPVKPRQLPK
TIGCSKNFPGKTALATREQVQWWLLQLAQELEERLTKDRNDNDRVATQLVVSIRVQGDKRLSSLRRCCALTRYDAHKMSH
DAFTVIKNCNTSGIQTEWSPPLTMLFLCATKFSAS
;
A
2 'polydeoxyribonucleotide' (DC)(DA)(DT)(DT)(DA)(DT)(DG)(DA)(DC)(DG)(DC)(DT) T
3 'polydeoxyribonucleotide' (DA)(DG)(DC)(DG)(DT)(DC)(DA)(DT)(AS) P
#
loop_
_chem_comp.id
_chem_comp.type
_chem_comp.name
_chem_comp.formula
AS DNA linking '2-DEOXY-ADENOSINE -5'-THIO-MONOPHOSPHATE' 'C10 H14 N5 O5 P S'
CA non-polymer 'CALCIUM ION' 'Ca 2'
DA DNA linking 2'-DEOXYADENOSINE-5'-MONOPHOSPHATE 'C10 H14 N5 O6 P'
DC DNA linking 2'-DEOXYCYTIDINE-5'-MONOPHOSPHATE 'C9 H14 N3 O7 P'
DG DNA linking 2'-DEOXYGUANOSINE-5'-MONOPHOSPHATE 'C10 H14 N5 O7 P'
DPO non-polymer DIPHOSPHATE 'O7 P2 -4'
DT DNA linking THYMIDINE-5'-MONOPHOSPHATE 'C10 H15 N2 O8 P'
GOL non-polymer GLYCEROL 'C3 H8 O3'
MN non-polymer 'MANGANESE (II) ION' 'Mn 2'
STP non-polymer '2'-DEOXYADENOSINE 5'-O-(1-THIOTRIPHOSPHATE)' 'C10 H16 N5 O11 P3 S'
#
# COMPACT_ATOMS: atom_id res chain seq x y z
N GLY A 1 -8.28 -20.47 29.82
CA GLY A 1 -6.91 -20.04 29.85
C GLY A 1 -6.05 -20.94 29.02
N PRO A 2 -6.17 -22.31 29.32
CA PRO A 2 -5.55 -23.19 28.32
C PRO A 2 -6.06 -23.12 26.86
N HIS A 3 -7.33 -22.78 26.68
CA HIS A 3 -7.99 -22.83 25.37
C HIS A 3 -8.16 -21.47 24.64
N MET A 4 -7.69 -20.40 25.26
CA MET A 4 -7.86 -19.09 24.66
C MET A 4 -6.82 -18.87 23.61
N ALA A 5 -7.27 -18.79 22.37
CA ALA A 5 -6.41 -18.60 21.21
C ALA A 5 -5.59 -17.32 21.37
N THR A 6 -4.37 -17.33 20.86
CA THR A 6 -3.52 -16.16 21.03
C THR A 6 -3.09 -15.58 19.69
N GLY A 7 -3.59 -16.18 18.61
CA GLY A 7 -3.33 -15.66 17.28
C GLY A 7 -1.85 -15.55 17.02
N GLN A 8 -1.12 -16.62 17.33
CA GLN A 8 0.34 -16.62 17.18
C GLN A 8 0.84 -17.74 16.28
N ASP A 9 -0.08 -18.31 15.50
CA ASP A 9 0.16 -19.47 14.65
C ASP A 9 0.99 -19.15 13.39
N ARG A 10 0.89 -17.90 12.92
CA ARG A 10 1.54 -17.51 11.66
C ARG A 10 2.67 -16.52 11.88
N VAL A 11 3.57 -16.45 10.90
CA VAL A 11 4.54 -15.37 10.82
C VAL A 11 4.25 -14.61 9.55
N VAL A 12 3.96 -13.32 9.66
CA VAL A 12 3.55 -12.49 8.53
C VAL A 12 4.45 -11.27 8.46
N ALA A 13 4.95 -10.96 7.26
CA ALA A 13 5.69 -9.72 7.12
C ALA A 13 5.00 -8.80 6.12
N LEU A 14 5.26 -7.50 6.23
CA LEU A 14 4.82 -6.51 5.25
C LEU A 14 6.09 -5.76 4.83
N VAL A 15 6.37 -5.76 3.54
CA VAL A 15 7.55 -5.07 3.02
C VAL A 15 7.04 -3.88 2.22
N ASP A 16 7.51 -2.69 2.57
CA ASP A 16 7.03 -1.45 1.97
CA ASP A 16 7.04 -1.47 1.91
C ASP A 16 8.21 -0.63 1.43
N MET A 17 8.30 -0.33 0.15
CA MET A 17 9.41 0.44 -0.37
C MET A 17 9.45 1.87 0.21
N ASP A 18 10.62 2.37 0.55
CA ASP A 18 10.74 3.72 1.02
C ASP A 18 10.56 4.69 -0.15
N CYS A 19 9.74 5.70 0.03
CA CYS A 19 9.58 6.79 -0.95
C CYS A 19 9.63 6.31 -2.41
N PHE A 20 8.77 5.38 -2.75
CA PHE A 20 9.04 4.52 -3.87
C PHE A 20 9.22 5.21 -5.21
N PHE A 21 8.31 6.08 -5.57
CA PHE A 21 8.45 6.68 -6.89
C PHE A 21 9.73 7.56 -6.94
N VAL A 22 10.08 8.17 -5.80
CA VAL A 22 11.32 8.95 -5.72
C VAL A 22 12.55 8.04 -5.94
N GLN A 23 12.58 6.88 -5.29
CA GLN A 23 13.70 5.98 -5.52
C GLN A 23 13.79 5.52 -6.96
N VAL A 24 12.65 5.29 -7.61
CA VAL A 24 12.68 4.90 -9.02
C VAL A 24 13.34 6.01 -9.85
N GLU A 25 12.97 7.27 -9.58
CA GLU A 25 13.54 8.40 -10.31
C GLU A 25 15.00 8.64 -9.94
N GLN A 26 15.37 8.42 -8.68
CA GLN A 26 16.76 8.58 -8.24
C GLN A 26 17.69 7.52 -8.83
N ARG A 27 17.18 6.30 -9.03
CA ARG A 27 18.00 5.28 -9.68
C ARG A 27 18.32 5.73 -11.10
N GLN A 28 17.31 6.26 -11.78
CA GLN A 28 17.43 6.69 -13.17
C GLN A 28 18.34 7.89 -13.33
N ASN A 29 18.23 8.82 -12.39
CA ASN A 29 18.93 10.08 -12.46
C ASN A 29 19.74 10.30 -11.20
N PRO A 30 21.01 9.89 -11.23
CA PRO A 30 21.92 9.99 -10.09
C PRO A 30 22.02 11.40 -9.50
N HIS A 31 21.74 12.43 -10.28
CA HIS A 31 21.76 13.80 -9.75
C HIS A 31 20.72 14.03 -8.65
N LEU A 32 19.70 13.18 -8.59
CA LEU A 32 18.65 13.34 -7.57
C LEU A 32 18.95 12.61 -6.28
N ARG A 33 19.99 11.78 -6.28
CA ARG A 33 20.26 10.93 -5.12
C ARG A 33 20.73 11.77 -3.94
N ASN A 34 20.23 11.40 -2.76
CA ASN A 34 20.59 12.05 -1.50
C ASN A 34 20.31 13.54 -1.52
N LYS A 35 19.17 13.89 -2.10
CA LYS A 35 18.73 15.28 -2.19
C LYS A 35 17.28 15.37 -1.74
N PRO A 36 16.87 16.56 -1.26
CA PRO A 36 15.44 16.78 -1.11
C PRO A 36 14.81 16.74 -2.49
N CYS A 37 13.93 15.77 -2.71
N CYS A 37 13.91 15.78 -2.69
CA CYS A 37 13.29 15.71 -4.00
CA CYS A 37 13.39 15.48 -4.02
C CYS A 37 11.92 15.08 -3.89
N ALA A 38 11.12 15.34 -4.92
CA ALA A 38 9.77 14.83 -4.95
C ALA A 38 9.36 14.48 -6.35
N VAL A 39 8.36 13.63 -6.47
CA VAL A 39 7.77 13.30 -7.77
C VAL A 39 6.44 14.04 -7.93
N VAL A 40 6.20 14.65 -9.07
CA VAL A 40 5.05 15.48 -9.29
C VAL A 40 4.32 15.03 -10.54
N GLN A 41 3.02 15.22 -10.55
CA GLN A 41 2.29 15.06 -11.77
C GLN A 41 1.63 16.34 -12.26
N TYR A 42 1.84 16.58 -13.54
CA TYR A 42 1.43 17.76 -14.26
C TYR A 42 2.24 18.91 -13.70
N LYS A 43 2.05 20.10 -14.19
CA LYS A 43 2.96 21.19 -13.87
C LYS A 43 2.33 22.54 -13.99
N SER A 44 1.39 22.70 -14.90
CA SER A 44 0.79 23.99 -15.13
C SER A 44 0.02 24.53 -13.96
N TRP A 45 -0.72 23.68 -13.30
CA TRP A 45 -1.51 24.15 -12.17
C TRP A 45 -0.68 24.06 -10.89
N LYS A 46 -0.15 25.22 -10.46
CA LYS A 46 0.58 25.37 -9.20
C LYS A 46 1.82 24.50 -9.09
N GLY A 47 2.48 24.27 -10.22
CA GLY A 47 3.72 23.54 -10.25
C GLY A 47 3.56 22.04 -10.32
N GLY A 48 2.32 21.58 -10.24
CA GLY A 48 2.02 20.16 -10.27
C GLY A 48 1.75 19.60 -8.88
N GLY A 49 1.17 18.41 -8.83
CA GLY A 49 0.80 17.82 -7.56
C GLY A 49 1.81 16.79 -7.11
N ILE A 50 2.29 16.90 -5.88
CA ILE A 50 3.30 15.97 -5.38
C ILE A 50 2.67 14.64 -5.00
N ILE A 51 3.24 13.54 -5.49
CA ILE A 51 2.74 12.23 -5.09
C ILE A 51 3.77 11.36 -4.36
N ALA A 52 5.03 11.79 -4.28
CA ALA A 52 6.03 11.08 -3.49
C ALA A 52 7.14 12.02 -3.08
N VAL A 53 7.72 11.80 -1.88
CA VAL A 53 8.63 12.76 -1.26
C VAL A 53 9.81 12.04 -0.61
N SER A 54 11.04 12.47 -0.92
CA SER A 54 12.22 11.84 -0.29
C SER A 54 12.28 12.23 1.17
N TYR A 55 12.99 11.45 1.96
CA TYR A 55 13.04 11.74 3.39
C TYR A 55 13.77 13.06 3.68
N GLU A 56 14.74 13.40 2.85
CA GLU A 56 15.40 14.71 2.96
C GLU A 56 14.38 15.84 2.83
N ALA A 57 13.45 15.70 1.90
CA ALA A 57 12.44 16.74 1.68
C ALA A 57 11.38 16.74 2.77
N ARG A 58 11.05 15.56 3.32
CA ARG A 58 10.08 15.50 4.41
C ARG A 58 10.55 16.29 5.61
N ALA A 59 11.86 16.36 5.80
CA ALA A 59 12.44 17.12 6.91
C ALA A 59 12.10 18.61 6.84
N PHE A 60 11.79 19.11 5.65
CA PHE A 60 11.37 20.50 5.48
C PHE A 60 9.85 20.66 5.56
N GLY A 61 9.13 19.56 5.71
CA GLY A 61 7.67 19.60 5.77
C GLY A 61 6.95 19.35 4.46
N VAL A 62 7.68 18.95 3.43
CA VAL A 62 7.06 18.58 2.18
C VAL A 62 6.26 17.29 2.37
N THR A 63 5.05 17.25 1.85
CA THR A 63 4.16 16.10 1.90
C THR A 63 3.54 15.78 0.58
N ARG A 64 3.02 14.59 0.50
CA ARG A 64 2.19 14.22 -0.58
C ARG A 64 0.92 15.06 -0.58
N SER A 65 0.37 15.23 -1.75
CA SER A 65 -0.77 16.05 -1.92
C SER A 65 -0.56 17.48 -1.48
N MET A 66 0.54 18.00 -1.90
CA MET A 66 0.90 19.35 -1.76
C MET A 66 1.19 19.77 -3.18
N TRP A 67 0.88 21.01 -3.54
CA TRP A 67 1.30 21.57 -4.82
C TRP A 67 2.79 21.87 -4.80
N ALA A 68 3.47 21.62 -5.91
CA ALA A 68 4.91 21.85 -5.96
C ALA A 68 5.28 23.31 -5.64
N ASP A 69 4.45 24.25 -6.07
CA ASP A 69 4.78 25.66 -5.78
C ASP A 69 4.78 25.92 -4.28
N ASP A 70 3.90 25.24 -3.57
CA ASP A 70 3.85 25.40 -2.11
C ASP A 70 4.98 24.67 -1.42
N ALA A 71 5.31 23.48 -1.93
CA ALA A 71 6.45 22.73 -1.42
C ALA A 71 7.74 23.52 -1.59
N LYS A 72 7.87 24.25 -2.69
CA LYS A 72 9.06 25.09 -2.92
C LYS A 72 9.16 26.24 -1.92
N LYS A 73 8.02 26.62 -1.34
CA LYS A 73 8.05 27.64 -0.29
C LYS A 73 8.69 27.07 0.98
N LEU A 74 8.44 25.79 1.26
CA LEU A 74 9.05 25.14 2.44
C LEU A 74 10.50 24.73 2.20
N CYS A 75 10.78 24.37 0.97
CA CYS A 75 12.06 23.80 0.57
C CYS A 75 12.46 24.36 -0.79
N PRO A 76 13.12 25.53 -0.80
CA PRO A 76 13.46 26.21 -2.06
C PRO A 76 14.36 25.39 -2.97
N ASP A 77 15.18 24.51 -2.39
CA ASP A 77 16.10 23.71 -3.19
C ASP A 77 15.52 22.35 -3.60
N LEU A 78 14.21 22.17 -3.36
CA LEU A 78 13.55 20.90 -3.71
C LEU A 78 13.73 20.57 -5.17
N LEU A 79 14.19 19.35 -5.44
CA LEU A 79 14.31 18.90 -6.81
C LEU A 79 13.06 18.11 -7.18
N LEU A 80 12.64 18.24 -8.44
CA LEU A 80 11.41 17.62 -8.87
C LEU A 80 11.64 16.73 -10.08
N ALA A 81 11.01 15.56 -10.06
CA ALA A 81 10.96 14.68 -11.23
C ALA A 81 9.50 14.56 -11.63
N GLN A 82 9.21 14.68 -12.93
CA GLN A 82 7.83 14.61 -13.43
C GLN A 82 7.42 13.25 -13.89
N VAL A 83 6.22 12.84 -13.52
CA VAL A 83 5.60 11.67 -14.09
C VAL A 83 5.43 11.86 -15.58
N ARG A 84 5.72 10.80 -16.33
CA ARG A 84 5.59 10.81 -17.77
C ARG A 84 4.17 11.11 -18.20
N GLU A 85 4.03 11.87 -19.28
CA GLU A 85 2.72 12.08 -19.88
C GLU A 85 2.67 11.38 -21.22
N SER A 86 1.57 10.65 -21.44
CA SER A 86 1.29 10.01 -22.71
C SER A 86 -0.17 10.16 -23.03
N ARG A 87 -0.46 10.54 -24.29
CA ARG A 87 -1.83 10.72 -24.74
C ARG A 87 -2.62 11.67 -23.85
N GLY A 88 -1.95 12.71 -23.38
CA GLY A 88 -2.59 13.77 -22.63
C GLY A 88 -2.79 13.50 -21.15
N LYS A 89 -2.25 12.38 -20.67
CA LYS A 89 -2.47 12.01 -19.26
C LYS A 89 -1.22 11.46 -18.60
N ALA A 90 -1.20 11.50 -17.28
CA ALA A 90 -0.10 10.90 -16.54
C ALA A 90 -0.04 9.41 -16.84
N ASN A 91 1.18 8.91 -17.02
CA ASN A 91 1.39 7.49 -17.30
C ASN A 91 2.33 6.89 -16.27
N LEU A 92 1.83 5.93 -15.52
CA LEU A 92 2.56 5.36 -14.37
C LEU A 92 3.35 4.08 -14.69
N THR A 93 3.56 3.81 -15.98
CA THR A 93 4.18 2.56 -16.42
C THR A 93 5.55 2.32 -15.80
N LYS A 94 6.38 3.35 -15.69
CA LYS A 94 7.72 3.18 -15.12
C LYS A 94 7.67 2.61 -13.69
N TYR A 95 6.69 3.07 -12.91
CA TYR A 95 6.61 2.67 -11.52
C TYR A 95 5.95 1.30 -11.42
N ARG A 96 5.00 1.00 -12.30
CA ARG A 96 4.43 -0.35 -12.33
C ARG A 96 5.49 -1.38 -12.69
N GLU A 97 6.36 -1.05 -13.65
CA GLU A 97 7.41 -1.99 -14.02
C GLU A 97 8.44 -2.15 -12.90
N ALA A 98 8.74 -1.09 -12.16
CA ALA A 98 9.68 -1.22 -11.03
C ALA A 98 9.06 -2.08 -9.93
N SER A 99 7.76 -1.91 -9.73
CA SER A 99 7.04 -2.72 -8.78
C SER A 99 7.17 -4.20 -9.11
N VAL A 100 6.98 -4.55 -10.38
CA VAL A 100 7.14 -5.96 -10.78
C VAL A 100 8.56 -6.49 -10.47
N GLU A 101 9.59 -5.65 -10.65
CA GLU A 101 10.97 -6.03 -10.30
C GLU A 101 11.07 -6.52 -8.86
N VAL A 102 10.48 -5.75 -7.96
CA VAL A 102 10.60 -6.02 -6.56
C VAL A 102 9.75 -7.21 -6.17
N MET A 103 8.51 -7.25 -6.67
CA MET A 103 7.61 -8.35 -6.37
C MET A 103 8.20 -9.69 -6.82
N GLU A 104 8.87 -9.71 -7.97
CA GLU A 104 9.44 -10.97 -8.44
C GLU A 104 10.58 -11.48 -7.53
N ILE A 105 11.38 -10.57 -6.99
CA ILE A 105 12.40 -10.94 -6.01
C ILE A 105 11.76 -11.48 -4.73
N MET A 106 10.75 -10.77 -4.22
CA MET A 106 10.12 -11.24 -2.98
C MET A 106 9.55 -12.65 -3.14
N SER A 107 8.99 -12.93 -4.32
CA SER A 107 8.33 -14.20 -4.58
C SER A 107 9.30 -15.38 -4.52
N ARG A 108 10.61 -15.11 -4.57
CA ARG A 108 11.60 -16.20 -4.50
C ARG A 108 11.66 -16.75 -3.07
N PHE A 109 11.26 -15.91 -2.11
CA PHE A 109 11.34 -16.29 -0.71
C PHE A 109 10.05 -16.91 -0.21
N ALA A 110 8.92 -16.46 -0.71
CA ALA A 110 7.63 -16.95 -0.28
C ALA A 110 6.50 -16.43 -1.14
N VAL A 111 5.33 -17.05 -0.96
CA VAL A 111 4.05 -16.54 -1.42
C VAL A 111 3.84 -15.10 -0.98
N ILE A 112 3.54 -14.21 -1.92
CA ILE A 112 3.20 -12.84 -1.55
C ILE A 112 1.81 -12.42 -1.99
N GLU A 113 1.26 -11.48 -1.24
CA GLU A 113 0.05 -10.75 -1.59
C GLU A 113 0.42 -9.32 -1.92
N ARG A 114 0.27 -8.95 -3.19
CA ARG A 114 0.48 -7.55 -3.60
C ARG A 114 -0.59 -6.71 -2.95
N ALA A 115 -0.17 -5.74 -2.15
CA ALA A 115 -1.12 -4.92 -1.44
C ALA A 115 -1.24 -3.49 -2.01
N SER A 116 -0.19 -3.06 -2.70
CA SER A 116 -0.21 -1.80 -3.43
C SER A 116 0.91 -1.83 -4.44
N ILE A 117 1.13 -0.73 -5.13
CA ILE A 117 2.20 -0.69 -6.12
C ILE A 117 3.55 -0.85 -5.42
N ASP A 118 3.64 -0.56 -4.12
CA ASP A 118 4.96 -0.63 -3.50
C ASP A 118 5.05 -1.50 -2.26
N GLU A 119 4.07 -2.36 -2.03
CA GLU A 119 4.16 -3.19 -0.85
C GLU A 119 3.46 -4.51 -0.99
N ALA A 120 3.96 -5.49 -0.24
CA ALA A 120 3.41 -6.82 -0.29
C ALA A 120 3.51 -7.49 1.06
N TYR A 121 2.51 -8.32 1.34
CA TYR A 121 2.53 -9.18 2.52
C TYR A 121 3.16 -10.51 2.17
N VAL A 122 3.85 -11.09 3.15
CA VAL A 122 4.59 -12.33 3.00
C VAL A 122 4.12 -13.27 4.10
N ASP A 123 3.67 -14.48 3.76
CA ASP A 123 3.44 -15.48 4.80
C ASP A 123 4.70 -16.33 4.95
N LEU A 124 5.41 -16.14 6.06
CA LEU A 124 6.72 -16.74 6.27
C LEU A 124 6.69 -18.00 7.14
N THR A 125 5.50 -18.44 7.50
CA THR A 125 5.33 -19.53 8.47
C THR A 125 6.10 -20.79 8.05
N SER A 126 5.94 -21.20 6.80
CA SER A 126 6.65 -22.39 6.30
C SER A 126 8.15 -22.16 6.14
N ALA A 127 8.54 -21.01 5.60
CA ALA A 127 9.96 -20.69 5.46
C ALA A 127 10.65 -20.70 6.83
N VAL A 128 9.93 -20.24 7.85
CA VAL A 128 10.48 -20.19 9.19
C VAL A 128 10.71 -21.59 9.75
N GLN A 129 9.75 -22.48 9.55
CA GLN A 129 9.89 -23.85 10.03
C GLN A 129 11.10 -24.52 9.39
N GLU A 130 11.29 -24.29 8.10
CA GLU A 130 12.45 -24.86 7.41
C GLU A 130 13.76 -24.28 7.92
N ARG A 131 13.85 -22.97 8.09
CA ARG A 131 15.09 -22.35 8.56
C ARG A 131 15.40 -22.82 9.98
N LEU A 132 14.34 -23.04 10.78
CA LEU A 132 14.51 -23.50 12.16
C LEU A 132 15.17 -24.87 12.22
N GLN A 133 14.85 -25.72 11.25
CA GLN A 133 15.43 -27.06 11.23
C GLN A 133 16.88 -27.06 10.75
N LYS A 134 17.21 -26.14 9.85
CA LYS A 134 18.61 -25.94 9.48
C LYS A 134 19.42 -25.50 10.69
N LEU A 135 18.79 -24.67 11.52
CA LEU A 135 19.49 -24.00 12.60
C LEU A 135 19.94 -24.92 13.74
N GLN A 136 19.30 -26.08 13.92
CA GLN A 136 19.67 -27.08 14.93
C GLN A 136 19.68 -26.54 16.39
N GLY A 137 18.71 -25.70 16.72
CA GLY A 137 18.65 -25.12 18.05
C GLY A 137 19.84 -24.23 18.33
N GLN A 138 20.54 -23.83 17.26
CA GLN A 138 21.63 -22.89 17.36
C GLN A 138 21.07 -21.48 17.56
N PRO A 139 21.65 -20.74 18.50
CA PRO A 139 21.26 -19.37 18.81
C PRO A 139 21.28 -18.47 17.58
N ILE A 140 20.42 -17.45 17.60
CA ILE A 140 20.43 -16.47 16.53
C ILE A 140 21.31 -15.31 16.96
N SER A 141 22.31 -15.02 16.14
CA SER A 141 23.26 -13.95 16.40
C SER A 141 22.66 -12.59 16.03
N ALA A 142 23.01 -11.56 16.81
CA ALA A 142 22.64 -10.18 16.49
C ALA A 142 23.09 -9.81 15.08
N ASP A 143 24.12 -10.47 14.61
CA ASP A 143 24.71 -10.22 13.31
C ASP A 143 23.77 -10.53 12.18
N LEU A 144 22.84 -11.41 12.42
CA LEU A 144 21.86 -11.75 11.43
C LEU A 144 20.69 -10.76 11.34
N LEU A 145 20.63 -9.81 12.25
CA LEU A 145 19.53 -8.86 12.34
C LEU A 145 20.25 -7.55 12.52
N PRO A 146 20.64 -6.99 11.30
CA PRO A 146 21.51 -5.82 11.41
C PRO A 146 20.70 -4.54 11.29
N SER A 147 19.48 -4.64 10.87
CA SER A 147 18.64 -3.46 10.67
C SER A 147 17.28 -3.63 11.37
N THR A 148 17.23 -4.54 12.33
CA THR A 148 16.00 -4.90 13.02
C THR A 148 15.82 -4.19 14.36
N TYR A 149 14.64 -3.61 14.56
CA TYR A 149 14.19 -3.08 15.86
C TYR A 149 13.23 -4.05 16.50
N ILE A 150 13.32 -4.21 17.81
CA ILE A 150 12.35 -5.00 18.56
C ILE A 150 11.43 -4.02 19.28
N GLU A 151 10.17 -3.92 18.85
CA GLU A 151 9.28 -2.94 19.45
C GLU A 151 9.06 -3.21 20.94
N GLY A 152 9.18 -2.14 21.74
CA GLY A 152 9.05 -2.20 23.19
C GLY A 152 10.36 -2.37 23.95
N LEU A 153 11.46 -2.61 23.24
CA LEU A 153 12.75 -2.80 23.89
C LEU A 153 13.72 -1.74 23.35
N PRO A 154 14.75 -1.38 24.12
CA PRO A 154 15.07 -1.88 25.47
C PRO A 154 14.15 -1.30 26.52
N GLN A 155 14.06 -1.99 27.65
CA GLN A 155 13.25 -1.50 28.74
C GLN A 155 13.87 -1.86 30.08
N GLY A 156 13.46 -1.13 31.12
CA GLY A 156 13.81 -1.48 32.48
C GLY A 156 15.20 -1.09 32.92
N PRO A 157 15.66 -1.67 34.04
CA PRO A 157 16.97 -1.39 34.67
C PRO A 157 18.14 -2.02 33.95
N THR A 163 23.49 4.90 26.69
CA THR A 163 23.53 5.29 25.28
C THR A 163 22.41 6.27 24.94
N VAL A 164 22.75 7.28 24.16
CA VAL A 164 21.78 8.31 23.77
C VAL A 164 21.65 8.39 22.25
N GLN A 165 22.23 7.44 21.55
CA GLN A 165 22.19 7.42 20.09
C GLN A 165 21.24 6.34 19.59
N LYS A 166 20.67 6.57 18.40
CA LYS A 166 19.60 5.73 17.90
C LYS A 166 20.06 4.30 17.58
N GLU A 167 21.17 4.13 16.87
CA GLU A 167 21.68 2.79 16.56
C GLU A 167 22.09 2.03 17.82
N GLY A 168 22.54 2.78 18.83
CA GLY A 168 22.88 2.21 20.11
C GLY A 168 21.68 1.64 20.82
N MET A 169 20.60 2.42 20.87
CA MET A 169 19.33 1.94 21.42
C MET A 169 18.84 0.70 20.67
N ARG A 170 18.96 0.71 19.34
CA ARG A 170 18.47 -0.43 18.56
C ARG A 170 19.16 -1.71 19.02
N LYS A 171 20.49 -1.67 19.17
CA LYS A 171 21.24 -2.85 19.56
C LYS A 171 20.94 -3.27 20.99
N GLN A 172 20.75 -2.30 21.87
CA GLN A 172 20.38 -2.58 23.26
C GLN A 172 19.10 -3.42 23.28
N GLY A 173 18.11 -2.99 22.49
CA GLY A 173 16.84 -3.69 22.48
C GLY A 173 16.97 -5.08 21.88
N LEU A 174 17.72 -5.16 20.80
CA LEU A 174 17.93 -6.46 20.15
C LEU A 174 18.66 -7.41 21.09
N PHE A 175 19.62 -6.89 21.84
CA PHE A 175 20.34 -7.78 22.76
C PHE A 175 19.42 -8.30 23.86
N GLN A 176 18.55 -7.44 24.40
CA GLN A 176 17.63 -7.89 25.44
C GLN A 176 16.70 -8.97 24.91
N TRP A 177 16.23 -8.75 23.68
CA TRP A 177 15.36 -9.71 23.02
C TRP A 177 16.04 -11.06 22.83
N LEU A 178 17.25 -11.02 22.28
CA LEU A 178 17.95 -12.24 21.96
C LEU A 178 18.43 -12.95 23.23
N ASP A 179 18.78 -12.16 24.25
CA ASP A 179 19.19 -12.73 25.54
C ASP A 179 18.06 -13.54 26.14
N SER A 180 16.84 -13.07 25.94
CA SER A 180 15.67 -13.71 26.52
C SER A 180 15.23 -14.94 25.75
N LEU A 181 15.48 -14.98 24.44
CA LEU A 181 14.90 -16.02 23.60
C LEU A 181 15.16 -17.44 24.09
N GLN A 182 14.18 -18.32 23.88
CA GLN A 182 14.40 -19.73 24.14
C GLN A 182 14.47 -20.50 22.83
N ILE A 183 15.67 -20.59 22.27
CA ILE A 183 15.91 -21.22 20.98
C ILE A 183 15.75 -22.73 21.06
N ASP A 184 15.50 -23.23 22.26
CA ASP A 184 15.32 -24.66 22.51
C ASP A 184 13.96 -25.15 22.02
N ASN A 185 13.02 -24.24 21.84
CA ASN A 185 11.65 -24.60 21.49
C ASN A 185 11.26 -24.18 20.07
N LEU A 186 11.09 -25.16 19.19
CA LEU A 186 10.82 -24.87 17.78
C LEU A 186 9.40 -24.34 17.55
N THR A 187 8.55 -24.45 18.57
CA THR A 187 7.17 -23.99 18.44
C THR A 187 6.93 -22.65 19.13
N SER A 188 8.00 -22.05 19.67
CA SER A 188 7.91 -20.76 20.35
C SER A 188 7.58 -19.62 19.38
N PRO A 189 6.44 -18.93 19.60
CA PRO A 189 6.10 -17.85 18.66
C PRO A 189 7.14 -16.73 18.56
N ASP A 190 7.74 -16.35 19.69
CA ASP A 190 8.78 -15.32 19.67
C ASP A 190 9.99 -15.77 18.84
N LEU A 191 10.39 -17.03 19.00
CA LEU A 191 11.50 -17.57 18.20
C LEU A 191 11.10 -17.56 16.73
N GLN A 192 9.87 -17.97 16.43
CA GLN A 192 9.40 -17.98 15.04
C GLN A 192 9.45 -16.59 14.44
N LEU A 193 9.01 -15.56 15.18
CA LEU A 193 9.09 -14.20 14.66
C LEU A 193 10.54 -13.78 14.36
N THR A 194 11.44 -14.20 15.23
CA THR A 194 12.83 -13.83 15.15
C THR A 194 13.45 -14.41 13.88
N VAL A 195 13.13 -15.67 13.62
CA VAL A 195 13.64 -16.33 12.41
C VAL A 195 12.97 -15.68 11.19
N GLY A 196 11.71 -15.30 11.33
CA GLY A 196 11.03 -14.55 10.27
C GLY A 196 11.79 -13.26 9.96
N ALA A 197 12.23 -12.57 11.02
CA ALA A 197 13.02 -11.34 10.83
C ALA A 197 14.35 -11.60 10.13
N VAL A 198 14.98 -12.74 10.44
CA VAL A 198 16.24 -13.13 9.75
C VAL A 198 16.02 -13.25 8.25
N ILE A 199 14.92 -13.90 7.91
CA ILE A 199 14.55 -14.11 6.50
C ILE A 199 14.22 -12.77 5.83
N VAL A 200 13.50 -11.88 6.53
CA VAL A 200 13.16 -10.60 5.93
C VAL A 200 14.42 -9.74 5.73
N GLU A 201 15.41 -9.84 6.62
CA GLU A 201 16.68 -9.16 6.39
C GLU A 201 17.27 -9.63 5.06
N GLU A 202 17.17 -10.92 4.80
CA GLU A 202 17.75 -11.50 3.59
C GLU A 202 16.98 -11.01 2.37
N MET A 203 15.65 -11.00 2.48
CA MET A 203 14.80 -10.50 1.40
C MET A 203 15.11 -9.05 1.08
N ARG A 204 15.21 -8.22 2.12
CA ARG A 204 15.45 -6.79 1.90
C ARG A 204 16.85 -6.56 1.31
N ALA A 205 17.81 -7.39 1.71
CA ALA A 205 19.16 -7.29 1.15
C ALA A 205 19.12 -7.66 -0.33
N ALA A 206 18.36 -8.71 -0.67
CA ALA A 206 18.22 -9.11 -2.08
C ALA A 206 17.54 -8.00 -2.88
N ILE A 207 16.48 -7.39 -2.34
CA ILE A 207 15.83 -6.32 -3.07
C ILE A 207 16.83 -5.20 -3.35
N GLU A 208 17.59 -4.78 -2.34
CA GLU A 208 18.49 -3.67 -2.55
C GLU A 208 19.62 -4.05 -3.51
N ARG A 209 20.16 -5.25 -3.36
CA ARG A 209 21.24 -5.68 -4.23
C ARG A 209 20.80 -5.66 -5.69
N GLU A 210 19.60 -6.14 -5.95
CA GLU A 210 19.21 -6.48 -7.31
C GLU A 210 18.42 -5.38 -8.00
N THR A 211 18.03 -4.34 -7.25
CA THR A 211 17.27 -3.24 -7.83
C THR A 211 17.84 -1.87 -7.49
N GLY A 212 18.58 -1.76 -6.38
CA GLY A 212 19.02 -0.47 -5.88
C GLY A 212 18.07 0.15 -4.88
N PHE A 213 16.90 -0.46 -4.69
CA PHE A 213 15.84 0.17 -3.90
C PHE A 213 15.91 -0.28 -2.46
N GLN A 214 15.71 0.66 -1.54
CA GLN A 214 15.58 0.35 -0.12
C GLN A 214 14.14 0.26 0.33
N CYS A 215 13.90 -0.49 1.40
CA CYS A 215 12.56 -0.68 1.88
C CYS A 215 12.61 -0.88 3.36
N SER A 216 11.43 -0.78 3.96
CA SER A 216 11.27 -1.09 5.36
C SER A 216 10.38 -2.32 5.46
N ALA A 217 10.29 -2.92 6.64
CA ALA A 217 9.41 -4.07 6.80
C ALA A 217 8.95 -4.20 8.22
N GLY A 218 7.81 -4.85 8.35
CA GLY A 218 7.31 -5.26 9.63
C GLY A 218 7.14 -6.75 9.71
N ILE A 219 7.43 -7.31 10.87
CA ILE A 219 7.25 -8.71 11.11
C ILE A 219 6.41 -8.94 12.36
N SER A 220 5.34 -9.66 12.19
CA SER A 220 4.45 -9.98 13.29
C SER A 220 3.66 -11.23 12.99
N HIS A 221 2.57 -11.42 13.71
CA HIS A 221 1.78 -12.60 13.58
C HIS A 221 0.58 -12.44 12.65
N ASN A 222 0.33 -11.26 12.15
CA ASN A 222 -0.78 -11.04 11.23
C ASN A 222 -0.53 -9.78 10.41
N LYS A 223 -1.39 -9.55 9.42
CA LYS A 223 -1.19 -8.42 8.50
C LYS A 223 -1.29 -7.05 9.14
N VAL A 224 -2.28 -6.86 10.03
CA VAL A 224 -2.44 -5.53 10.62
C VAL A 224 -1.23 -5.15 11.47
N LEU A 225 -0.73 -6.09 12.26
CA LEU A 225 0.44 -5.80 13.10
C LEU A 225 1.69 -5.67 12.25
N ALA A 226 1.79 -6.45 11.17
CA ALA A 226 2.95 -6.33 10.30
C ALA A 226 2.99 -4.95 9.65
N LYS A 227 1.84 -4.46 9.19
CA LYS A 227 1.75 -3.14 8.56
C LYS A 227 2.09 -2.06 9.57
N LEU A 228 1.55 -2.18 10.77
CA LEU A 228 1.84 -1.20 11.81
C LEU A 228 3.34 -1.19 12.17
N ALA A 229 3.90 -2.39 12.34
CA ALA A 229 5.33 -2.55 12.64
C ALA A 229 6.21 -1.88 11.60
N CYS A 230 5.86 -2.08 10.33
CA CYS A 230 6.65 -1.56 9.23
C CYS A 230 6.88 -0.05 9.35
N GLY A 231 5.85 0.66 9.74
CA GLY A 231 5.87 2.09 9.91
C GLY A 231 6.68 2.65 11.07
N LEU A 232 6.98 1.82 12.04
CA LEU A 232 7.56 2.27 13.28
C LEU A 232 8.94 2.80 13.15
N ASN A 233 9.70 2.23 12.24
CA ASN A 233 11.08 2.59 12.07
C ASN A 233 11.58 2.86 10.66
N LYS A 234 10.80 3.48 9.81
CA LYS A 234 11.20 3.93 8.46
C LYS A 234 12.21 5.09 8.45
N PRO A 235 13.07 5.22 7.47
CA PRO A 235 13.25 4.31 6.33
C PRO A 235 14.35 3.30 6.53
N ASN A 236 14.39 2.30 5.65
CA ASN A 236 15.48 1.33 5.57
C ASN A 236 15.76 0.54 6.85
N ARG A 237 14.69 0.19 7.57
CA ARG A 237 14.81 -0.61 8.79
C ARG A 237 13.64 -1.54 8.86
N GLN A 238 13.72 -2.57 9.70
CA GLN A 238 12.57 -3.44 9.90
C GLN A 238 12.28 -3.57 11.38
N THR A 239 11.02 -3.84 11.72
CA THR A 239 10.58 -3.85 13.12
C THR A 239 9.79 -5.12 13.40
N LEU A 240 10.17 -5.80 14.48
CA LEU A 240 9.48 -6.99 14.95
C LEU A 240 8.52 -6.59 16.07
N VAL A 241 7.23 -6.85 15.85
CA VAL A 241 6.20 -6.62 16.87
C VAL A 241 5.71 -7.96 17.38
N SER A 242 6.07 -8.28 18.63
CA SER A 242 5.70 -9.55 19.22
C SER A 242 4.31 -9.51 19.82
N HIS A 243 3.72 -10.68 20.05
CA HIS A 243 2.41 -10.71 20.68
C HIS A 243 2.47 -9.98 22.03
N GLY A 244 3.55 -10.22 22.77
CA GLY A 244 3.69 -9.61 24.08
C GLY A 244 3.81 -8.10 24.09
N SER A 245 4.28 -7.53 22.98
CA SER A 245 4.43 -6.08 22.88
C SER A 245 3.11 -5.34 22.63
N VAL A 246 2.05 -6.08 22.35
CA VAL A 246 0.81 -5.42 21.93
C VAL A 246 0.13 -4.57 23.05
N PRO A 247 0.03 -5.09 24.29
CA PRO A 247 -0.66 -4.23 25.27
C PRO A 247 -0.03 -2.83 25.44
N GLN A 248 1.29 -2.76 25.56
CA GLN A 248 1.92 -1.46 25.71
C GLN A 248 1.80 -0.62 24.43
N LEU A 249 2.06 -1.25 23.28
CA LEU A 249 1.95 -0.57 21.99
C LEU A 249 0.56 0.02 21.80
N PHE A 250 -0.45 -0.77 22.11
CA PHE A 250 -1.83 -0.34 21.86
C PHE A 250 -2.35 0.65 22.90
N SER A 251 -1.67 0.76 24.04
CA SER A 251 -2.22 1.55 25.14
C SER A 251 -2.21 3.03 24.81
N GLN A 252 -1.34 3.46 23.90
CA GLN A 252 -1.34 4.84 23.45
C GLN A 252 -1.43 4.96 21.94
N MET A 253 -1.96 3.94 21.29
CA MET A 253 -2.03 3.92 19.81
C MET A 253 -3.38 4.47 19.37
N PRO A 254 -3.40 5.63 18.69
CA PRO A 254 -4.68 6.13 18.20
C PRO A 254 -5.37 5.11 17.29
N ILE A 255 -6.67 4.99 17.44
CA ILE A 255 -7.44 3.99 16.73
C ILE A 255 -7.24 4.15 15.21
N ARG A 256 -7.11 5.38 14.74
CA ARG A 256 -7.07 5.63 13.30
C ARG A 256 -5.79 5.09 12.66
N LYS A 257 -4.80 4.72 13.48
CA LYS A 257 -3.54 4.23 12.93
C LYS A 257 -3.62 2.81 12.43
N ILE A 258 -4.64 2.08 12.81
CA ILE A 258 -4.81 0.70 12.47
C ILE A 258 -5.46 0.61 11.08
N ARG A 259 -4.96 -0.24 10.22
CA ARG A 259 -5.50 -0.33 8.90
C ARG A 259 -6.95 -0.75 8.90
N SER A 260 -7.74 0.03 8.17
CA SER A 260 -9.19 -0.06 8.05
C SER A 260 -9.95 0.84 9.02
N LEU A 261 -9.26 1.39 9.98
CA LEU A 261 -9.87 2.28 10.96
C LEU A 261 -9.52 3.74 10.73
N GLY A 262 -8.92 4.06 9.59
CA GLY A 262 -8.53 5.44 9.35
C GLY A 262 -9.64 6.33 8.81
N GLY A 263 -10.82 5.77 8.61
CA GLY A 263 -11.93 6.52 8.03
C GLY A 263 -13.13 6.64 8.93
N LYS A 264 -14.31 6.51 8.34
CA LYS A 264 -15.56 6.72 9.06
C LYS A 264 -15.80 5.70 10.20
N LEU A 265 -15.48 4.43 9.96
CA LEU A 265 -15.67 3.42 11.00
C LEU A 265 -14.83 3.75 12.22
N GLY A 266 -13.55 4.06 11.99
CA GLY A 266 -12.68 4.44 13.09
C GLY A 266 -13.19 5.65 13.85
N ALA A 267 -13.68 6.65 13.12
CA ALA A 267 -14.27 7.81 13.76
C ALA A 267 -15.49 7.44 14.58
N SER A 268 -16.26 6.45 14.13
CA SER A 268 -17.44 6.04 14.89
C SER A 268 -17.05 5.25 16.15
N VAL A 269 -15.96 4.48 16.09
CA VAL A 269 -15.50 3.73 17.25
C VAL A 269 -15.18 4.73 18.36
N ILE A 270 -14.42 5.75 17.99
CA ILE A 270 -14.02 6.82 18.91
C ILE A 270 -15.22 7.56 19.49
N GLU A 271 -16.13 7.97 18.61
CA GLU A 271 -17.31 8.75 19.02
C GLU A 271 -18.27 7.96 19.88
N ILE A 272 -18.66 6.78 19.42
CA ILE A 272 -19.68 5.99 20.09
C ILE A 272 -19.18 5.48 21.44
N LEU A 273 -17.93 5.06 21.48
CA LEU A 273 -17.42 4.39 22.69
C LEU A 273 -16.78 5.39 23.63
N GLY A 274 -16.50 6.59 23.14
CA GLY A 274 -15.84 7.60 23.94
C GLY A 274 -14.42 7.26 24.31
N ILE A 275 -13.70 6.64 23.38
CA ILE A 275 -12.30 6.26 23.61
C ILE A 275 -11.35 6.86 22.56
N GLU A 276 -10.05 6.76 22.78
CA GLU A 276 -9.05 7.30 21.85
C GLU A 276 -8.07 6.26 21.32
N TYR A 277 -7.75 5.28 22.15
CA TYR A 277 -6.66 4.34 21.85
C TYR A 277 -7.13 2.93 21.66
N MET A 278 -6.38 2.19 20.86
CA MET A 278 -6.74 0.82 20.54
C MET A 278 -6.92 -0.03 21.79
N GLY A 279 -6.05 0.17 22.77
CA GLY A 279 -6.06 -0.66 23.97
C GLY A 279 -7.36 -0.55 24.74
N GLU A 280 -7.97 0.63 24.68
CA GLU A 280 -9.22 0.84 25.41
C GLU A 280 -10.35 -0.05 24.91
N LEU A 281 -10.23 -0.63 23.71
CA LEU A 281 -11.28 -1.53 23.22
C LEU A 281 -11.42 -2.81 24.03
N THR A 282 -10.38 -3.19 24.78
CA THR A 282 -10.43 -4.49 25.45
C THR A 282 -11.53 -4.53 26.53
N GLN A 283 -12.02 -3.38 26.96
CA GLN A 283 -13.01 -3.34 28.04
C GLN A 283 -14.46 -3.56 27.59
N PHE A 284 -14.65 -3.83 26.31
CA PHE A 284 -15.98 -4.10 25.79
C PHE A 284 -16.11 -5.58 25.47
N THR A 285 -17.31 -6.12 25.65
CA THR A 285 -17.55 -7.49 25.22
C THR A 285 -17.69 -7.56 23.71
N GLU A 286 -17.49 -8.75 23.18
CA GLU A 286 -17.64 -8.97 21.76
C GLU A 286 -19.06 -8.58 21.33
N SER A 287 -20.07 -8.98 22.11
N SER A 287 -20.07 -8.98 22.11
CA SER A 287 -21.44 -8.63 21.76
C SER A 287 -21.66 -7.11 21.77
N GLN A 288 -21.03 -6.39 22.70
CA GLN A 288 -21.15 -4.94 22.72
C GLN A 288 -20.61 -4.35 21.43
N LEU A 289 -19.43 -4.82 21.03
CA LEU A 289 -18.82 -4.27 19.84
C LEU A 289 -19.62 -4.63 18.59
N GLN A 290 -20.15 -5.85 18.53
CA GLN A 290 -21.03 -6.25 17.43
C GLN A 290 -22.31 -5.42 17.38
N SER A 291 -22.82 -5.06 18.55
CA SER A 291 -24.06 -4.28 18.58
C SER A 291 -23.86 -2.91 17.94
N HIS A 292 -22.70 -2.30 18.16
CA HIS A 292 -22.44 -1.00 17.58
C HIS A 292 -21.95 -1.06 16.13
N PHE A 293 -21.12 -2.05 15.81
CA PHE A 293 -20.37 -1.97 14.55
C PHE A 293 -20.69 -3.11 13.58
N GLY A 294 -21.66 -3.95 13.95
CA GLY A 294 -22.00 -5.10 13.15
C GLY A 294 -21.27 -6.35 13.57
N GLU A 295 -21.80 -7.49 13.14
CA GLU A 295 -21.26 -8.80 13.50
C GLU A 295 -19.79 -8.93 13.11
N LYS A 296 -19.50 -8.59 11.86
CA LYS A 296 -18.16 -8.80 11.31
C LYS A 296 -17.14 -7.85 11.94
N ASN A 297 -17.45 -6.54 11.90
CA ASN A 297 -16.53 -5.53 12.46
C ASN A 297 -16.36 -5.71 13.96
N GLY A 298 -17.42 -6.07 14.66
CA GLY A 298 -17.37 -6.24 16.11
C GLY A 298 -16.46 -7.37 16.55
N SER A 299 -16.56 -8.51 15.87
CA SER A 299 -15.72 -9.67 16.15
C SER A 299 -14.27 -9.31 15.78
N TRP A 300 -14.11 -8.57 14.69
CA TRP A 300 -12.78 -8.18 14.22
C TRP A 300 -12.12 -7.27 15.25
N LEU A 301 -12.87 -6.26 15.71
CA LEU A 301 -12.34 -5.34 16.70
C LEU A 301 -12.01 -6.03 18.01
N TYR A 302 -12.88 -6.94 18.43
CA TYR A 302 -12.68 -7.65 19.70
C TYR A 302 -11.36 -8.40 19.71
N ALA A 303 -11.06 -9.10 18.61
CA ALA A 303 -9.80 -9.83 18.49
C ALA A 303 -8.63 -8.88 18.19
N MET A 304 -8.86 -7.87 17.35
CA MET A 304 -7.75 -6.99 16.95
C MET A 304 -7.14 -6.21 18.09
N CYS A 305 -7.98 -5.73 19.02
CA CYS A 305 -7.43 -4.95 20.14
C CYS A 305 -6.58 -5.83 21.08
N ARG A 306 -6.66 -7.14 20.93
CA ARG A 306 -5.84 -8.11 21.66
C ARG A 306 -4.67 -8.61 20.80
N GLY A 307 -4.48 -8.02 19.62
CA GLY A 307 -3.35 -8.35 18.76
C GLY A 307 -3.62 -9.52 17.83
N ILE A 308 -4.87 -9.92 17.72
CA ILE A 308 -5.25 -11.13 16.96
C ILE A 308 -6.09 -10.78 15.74
N GLU A 309 -5.66 -11.28 14.58
CA GLU A 309 -6.41 -11.08 13.34
C GLU A 309 -6.11 -12.25 12.42
N HIS A 310 -7.10 -12.70 11.66
CA HIS A 310 -6.89 -13.94 10.92
C HIS A 310 -6.87 -13.80 9.40
N ASP A 311 -7.05 -12.58 8.89
CA ASP A 311 -7.05 -12.33 7.44
C ASP A 311 -5.85 -12.97 6.76
N PRO A 312 -6.07 -13.90 5.81
CA PRO A 312 -4.90 -14.58 5.26
C PRO A 312 -4.12 -13.73 4.27
N VAL A 313 -2.87 -14.08 4.09
CA VAL A 313 -2.07 -13.50 3.05
C VAL A 313 -2.52 -14.27 1.80
N LYS A 314 -3.19 -13.57 0.92
CA LYS A 314 -3.67 -14.16 -0.29
C LYS A 314 -2.56 -14.30 -1.29
N PRO A 315 -2.60 -15.53 -1.93
CA PRO A 315 -1.58 -15.71 -2.94
C PRO A 315 -1.95 -15.02 -4.26
N ARG A 316 -1.67 -13.73 -4.33
CA ARG A 316 -1.94 -12.95 -5.52
C ARG A 316 -0.84 -11.91 -5.71
N GLN A 317 -0.06 -12.05 -6.76
CA GLN A 317 1.06 -11.17 -7.04
C GLN A 317 0.69 -10.09 -8.07
N LEU A 318 -0.40 -10.34 -8.78
CA LEU A 318 -0.85 -9.47 -9.87
C LEU A 318 -2.13 -8.73 -9.53
N PRO A 319 -2.24 -7.47 -10.00
CA PRO A 319 -3.50 -6.75 -9.81
C PRO A 319 -4.70 -7.45 -10.47
N LYS A 320 -5.89 -7.34 -9.87
CA LYS A 320 -7.13 -7.97 -10.36
C LYS A 320 -7.85 -7.13 -11.41
N THR A 321 -7.43 -5.89 -11.54
CA THR A 321 -8.09 -4.95 -12.44
C THR A 321 -7.02 -4.11 -13.08
N ILE A 322 -7.29 -3.65 -14.29
CA ILE A 322 -6.39 -2.74 -14.98
C ILE A 322 -7.24 -1.55 -15.40
N GLY A 323 -6.94 -0.39 -14.84
CA GLY A 323 -7.76 0.78 -15.07
C GLY A 323 -6.99 2.01 -15.53
N CYS A 324 -7.72 2.93 -16.15
CA CYS A 324 -7.21 4.16 -16.72
C CYS A 324 -8.21 5.27 -16.37
N SER A 325 -7.75 6.33 -15.71
CA SER A 325 -8.67 7.40 -15.33
CA SER A 325 -8.63 7.39 -15.22
C SER A 325 -8.04 8.79 -15.47
N LYS A 326 -8.91 9.77 -15.69
CA LYS A 326 -8.46 11.16 -15.77
C LYS A 326 -9.52 12.11 -15.26
N ASN A 327 -9.10 13.04 -14.40
CA ASN A 327 -9.96 14.11 -13.93
C ASN A 327 -9.93 15.30 -14.90
N PHE A 328 -11.03 16.03 -14.96
CA PHE A 328 -11.07 17.26 -15.74
C PHE A 328 -11.64 18.34 -14.84
N PRO A 329 -10.79 18.89 -13.96
CA PRO A 329 -11.23 19.76 -12.86
C PRO A 329 -11.51 21.19 -13.30
N GLY A 330 -12.24 21.93 -12.47
CA GLY A 330 -12.57 23.31 -12.73
C GLY A 330 -13.10 23.57 -14.12
N LYS A 331 -12.42 24.46 -14.84
CA LYS A 331 -12.89 24.88 -16.15
C LYS A 331 -12.49 23.95 -17.30
N THR A 332 -11.71 22.91 -17.00
CA THR A 332 -11.32 21.97 -18.06
C THR A 332 -12.37 20.88 -18.29
N ALA A 333 -13.46 20.91 -17.53
CA ALA A 333 -14.52 19.90 -17.62
C ALA A 333 -15.05 19.73 -19.05
N LEU A 334 -15.33 18.50 -19.44
CA LEU A 334 -15.69 18.20 -20.83
C LEU A 334 -17.14 18.59 -21.14
N ALA A 335 -17.31 19.56 -22.03
CA ALA A 335 -18.63 20.14 -22.27
C ALA A 335 -19.16 19.86 -23.67
N THR A 336 -18.38 19.19 -24.49
CA THR A 336 -18.80 18.86 -25.85
C THR A 336 -18.65 17.37 -26.09
N ARG A 337 -19.52 16.84 -26.95
CA ARG A 337 -19.51 15.42 -27.28
C ARG A 337 -18.16 14.93 -27.80
N GLU A 338 -17.57 15.67 -28.73
CA GLU A 338 -16.30 15.25 -29.32
C GLU A 338 -15.13 15.35 -28.36
N GLN A 339 -15.26 16.23 -27.38
CA GLN A 339 -14.29 16.27 -26.29
C GLN A 339 -14.33 14.93 -25.57
N VAL A 340 -15.54 14.56 -25.17
CA VAL A 340 -15.79 13.33 -24.44
C VAL A 340 -15.28 12.14 -25.23
N GLN A 341 -15.56 12.12 -26.52
CA GLN A 341 -15.16 10.99 -27.36
C GLN A 341 -13.65 10.93 -27.61
N TRP A 342 -13.00 12.09 -27.62
CA TRP A 342 -11.55 12.12 -27.84
C TRP A 342 -10.81 11.54 -26.65
N TRP A 343 -11.24 11.93 -25.45
CA TRP A 343 -10.60 11.47 -24.23
C TRP A 343 -10.92 10.01 -23.96
N LEU A 344 -12.15 9.58 -24.24
CA LEU A 344 -12.47 8.17 -24.11
C LEU A 344 -11.53 7.35 -24.96
N LEU A 345 -11.21 7.85 -26.15
CA LEU A 345 -10.24 7.20 -27.01
C LEU A 345 -8.82 7.21 -26.42
N GLN A 346 -8.41 8.33 -25.83
CA GLN A 346 -7.08 8.41 -25.21
C GLN A 346 -6.94 7.36 -24.10
N LEU A 347 -7.92 7.34 -23.20
CA LEU A 347 -7.97 6.36 -22.12
C LEU A 347 -7.98 4.94 -22.67
N ALA A 348 -8.81 4.70 -23.68
CA ALA A 348 -8.93 3.37 -24.24
C ALA A 348 -7.63 2.90 -24.90
N GLN A 349 -6.86 3.83 -25.47
CA GLN A 349 -5.62 3.46 -26.11
C GLN A 349 -4.56 3.06 -25.06
N GLU A 350 -4.53 3.77 -23.93
CA GLU A 350 -3.61 3.38 -22.89
C GLU A 350 -4.04 2.05 -22.30
N LEU A 351 -5.34 1.88 -22.11
CA LEU A 351 -5.86 0.63 -21.57
C LEU A 351 -5.51 -0.55 -22.48
N GLU A 352 -5.72 -0.38 -23.78
CA GLU A 352 -5.39 -1.44 -24.73
C GLU A 352 -3.92 -1.82 -24.64
N GLU A 353 -3.06 -0.80 -24.51
CA GLU A 353 -1.64 -1.03 -24.44
C GLU A 353 -1.28 -1.86 -23.20
N ARG A 354 -1.90 -1.52 -22.09
CA ARG A 354 -1.59 -2.22 -20.85
C ARG A 354 -2.19 -3.62 -20.86
N LEU A 355 -3.39 -3.77 -21.42
CA LEU A 355 -4.06 -5.06 -21.47
C LEU A 355 -3.32 -6.04 -22.39
N THR A 356 -2.83 -5.54 -23.51
CA THR A 356 -2.10 -6.40 -24.44
C THR A 356 -0.81 -6.89 -23.83
N LYS A 357 -0.11 -5.99 -23.13
CA LYS A 357 1.09 -6.37 -22.39
C LYS A 357 0.76 -7.40 -21.30
N ASP A 358 -0.33 -7.17 -20.60
CA ASP A 358 -0.79 -8.08 -19.54
C ASP A 358 -1.10 -9.46 -20.08
N ARG A 359 -1.76 -9.53 -21.23
CA ARG A 359 -2.13 -10.82 -21.83
C ARG A 359 -0.89 -11.65 -22.18
N ASN A 360 0.15 -10.99 -22.70
CA ASN A 360 1.38 -11.68 -23.07
C ASN A 360 2.19 -12.14 -21.84
N ASP A 361 2.23 -11.29 -20.82
CA ASP A 361 3.03 -11.52 -19.64
C ASP A 361 2.45 -12.56 -18.71
N ASN A 362 1.13 -12.52 -18.56
CA ASN A 362 0.47 -13.22 -17.47
C ASN A 362 -0.56 -14.25 -17.91
N ASP A 363 -0.73 -14.44 -19.21
CA ASP A 363 -1.62 -15.48 -19.73
C ASP A 363 -3.05 -15.37 -19.23
N ARG A 364 -3.67 -14.21 -19.44
CA ARG A 364 -5.05 -13.99 -19.03
C ARG A 364 -5.71 -12.91 -19.88
N VAL A 365 -7.04 -12.88 -19.86
CA VAL A 365 -7.81 -11.90 -20.60
C VAL A 365 -8.96 -11.32 -19.78
N ALA A 366 -9.07 -9.99 -19.79
CA ALA A 366 -10.20 -9.35 -19.15
C ALA A 366 -11.45 -9.60 -20.00
N THR A 367 -12.60 -9.69 -19.33
CA THR A 367 -13.87 -9.97 -20.01
C THR A 367 -14.94 -8.91 -19.77
N GLN A 368 -14.68 -7.98 -18.85
CA GLN A 368 -15.64 -6.93 -18.55
C GLN A 368 -14.93 -5.58 -18.60
N LEU A 369 -15.62 -4.60 -19.19
CA LEU A 369 -15.18 -3.21 -19.19
C LEU A 369 -16.10 -2.38 -18.30
N VAL A 370 -15.53 -1.69 -17.32
CA VAL A 370 -16.31 -0.83 -16.46
C VAL A 370 -16.10 0.62 -16.88
N VAL A 371 -17.18 1.36 -17.04
CA VAL A 371 -17.08 2.77 -17.41
C VAL A 371 -17.65 3.62 -16.29
N SER A 372 -16.86 4.60 -15.84
CA SER A 372 -17.28 5.46 -14.75
C SER A 372 -17.08 6.91 -15.13
N ILE A 373 -17.97 7.78 -14.66
CA ILE A 373 -17.82 9.21 -14.86
C ILE A 373 -18.18 9.97 -13.60
N ARG A 374 -17.76 11.22 -13.54
CA ARG A 374 -18.22 12.14 -12.51
C ARG A 374 -18.81 13.34 -13.22
N VAL A 375 -19.83 13.94 -12.61
CA VAL A 375 -20.44 15.13 -13.18
C VAL A 375 -20.17 16.31 -12.27
N GLN A 376 -20.10 17.50 -12.86
CA GLN A 376 -19.80 18.72 -12.10
C GLN A 376 -20.83 18.98 -10.99
N GLY A 377 -20.37 19.17 -9.78
CA GLY A 377 -21.29 19.42 -8.70
C GLY A 377 -21.71 18.21 -7.91
N ASP A 378 -21.38 17.03 -8.42
CA ASP A 378 -21.80 15.79 -7.82
C ASP A 378 -20.92 15.59 -6.65
N LYS A 379 -21.53 15.16 -5.57
CA LYS A 379 -21.26 13.92 -4.93
C LYS A 379 -19.79 13.98 -4.59
N ARG A 380 -19.05 13.02 -5.08
CA ARG A 380 -18.76 11.70 -4.62
C ARG A 380 -17.66 11.60 -5.62
N LEU A 381 -16.72 10.73 -5.40
CA LEU A 381 -15.67 10.56 -6.36
C LEU A 381 -16.23 10.03 -7.70
N SER A 382 -17.20 9.13 -7.64
CA SER A 382 -17.85 8.66 -8.84
C SER A 382 -19.29 8.98 -8.80
N SER A 383 -19.81 9.41 -9.93
CA SER A 383 -21.21 9.76 -10.03
C SER A 383 -22.00 8.58 -10.58
N LEU A 384 -21.37 7.81 -11.44
CA LEU A 384 -22.06 6.76 -12.17
C LEU A 384 -21.10 5.69 -12.65
N ARG A 385 -21.54 4.45 -12.58
CA ARG A 385 -20.71 3.33 -12.99
C ARG A 385 -21.55 2.31 -13.74
N ARG A 386 -21.15 2.02 -14.98
CA ARG A 386 -21.87 1.06 -15.81
C ARG A 386 -20.89 0.07 -16.40
N CYS A 387 -21.31 -1.19 -16.51
N CYS A 387 -21.31 -1.19 -16.51
CA CYS A 387 -20.45 -2.22 -17.10
C CYS A 387 -20.97 -2.64 -18.47
N CYS A 388 -20.05 -3.08 -19.33
CA CYS A 388 -20.41 -3.69 -20.60
C CYS A 388 -19.38 -4.77 -20.94
N ALA A 389 -19.68 -5.58 -21.96
CA ALA A 389 -18.78 -6.68 -22.31
C ALA A 389 -17.45 -6.18 -22.86
N LEU A 390 -16.38 -6.89 -22.55
CA LEU A 390 -15.08 -6.59 -23.11
C LEU A 390 -14.64 -7.81 -23.89
N THR A 391 -14.81 -7.79 -25.19
CA THR A 391 -14.44 -8.93 -26.00
C THR A 391 -13.23 -8.82 -26.90
N ARG A 392 -12.79 -7.62 -27.20
CA ARG A 392 -11.59 -7.46 -28.00
C ARG A 392 -10.75 -6.36 -27.43
N TYR A 393 -9.46 -6.53 -27.46
CA TYR A 393 -8.57 -5.51 -27.01
C TYR A 393 -8.40 -4.57 -28.18
N ASP A 394 -9.42 -3.76 -28.42
CA ASP A 394 -9.31 -2.66 -29.37
C ASP A 394 -9.78 -1.36 -28.76
N ALA A 395 -8.94 -0.33 -28.78
CA ALA A 395 -9.29 0.96 -28.17
C ALA A 395 -10.51 1.62 -28.80
N HIS A 396 -10.65 1.53 -30.12
CA HIS A 396 -11.76 2.22 -30.77
C HIS A 396 -13.10 1.58 -30.41
N LYS A 397 -13.12 0.25 -30.35
CA LYS A 397 -14.32 -0.46 -29.89
C LYS A 397 -14.63 -0.15 -28.43
N MET A 398 -13.61 -0.24 -27.58
CA MET A 398 -13.80 0.00 -26.16
C MET A 398 -14.30 1.42 -25.91
N SER A 399 -13.75 2.39 -26.63
CA SER A 399 -14.15 3.78 -26.44
C SER A 399 -15.54 4.05 -27.01
N HIS A 400 -15.88 3.37 -28.10
CA HIS A 400 -17.23 3.49 -28.64
C HIS A 400 -18.25 2.89 -27.68
N ASP A 401 -17.91 1.72 -27.13
CA ASP A 401 -18.75 1.05 -26.15
C ASP A 401 -18.94 1.85 -24.87
N ALA A 402 -17.87 2.51 -24.42
CA ALA A 402 -17.94 3.35 -23.25
C ALA A 402 -18.90 4.51 -23.48
N PHE A 403 -18.82 5.12 -24.66
CA PHE A 403 -19.69 6.25 -24.99
C PHE A 403 -21.15 5.80 -25.00
N THR A 404 -21.38 4.60 -25.51
CA THR A 404 -22.73 4.03 -25.55
C THR A 404 -23.37 3.96 -24.17
N VAL A 405 -22.64 3.40 -23.20
CA VAL A 405 -23.25 3.17 -21.90
C VAL A 405 -23.42 4.45 -21.10
N ILE A 406 -22.74 5.52 -21.50
CA ILE A 406 -22.81 6.77 -20.74
C ILE A 406 -23.51 7.92 -21.47
N LYS A 407 -23.75 7.78 -22.77
CA LYS A 407 -24.30 8.89 -23.56
C LYS A 407 -25.66 9.39 -23.08
N ASN A 408 -26.43 8.51 -22.45
CA ASN A 408 -27.72 8.91 -21.89
C ASN A 408 -27.58 9.76 -20.64
N CYS A 409 -26.35 9.96 -20.18
CA CYS A 409 -26.10 10.80 -19.00
C CYS A 409 -26.20 12.27 -19.38
N ASN A 410 -26.15 12.50 -20.66
CA ASN A 410 -26.22 13.82 -21.13
C ASN A 410 -27.66 14.41 -21.02
N THR A 411 -27.80 15.50 -20.28
CA THR A 411 -29.12 16.09 -20.15
C THR A 411 -29.28 17.21 -21.13
N SER A 412 -28.28 17.46 -21.97
CA SER A 412 -28.39 18.50 -22.99
C SER A 412 -29.41 18.11 -24.03
N GLY A 413 -30.27 19.06 -24.35
CA GLY A 413 -31.13 18.88 -25.47
C GLY A 413 -30.25 18.85 -26.67
N ILE A 414 -29.25 19.75 -26.70
CA ILE A 414 -28.31 19.73 -27.81
C ILE A 414 -27.39 18.51 -27.65
N GLN A 415 -27.31 17.67 -28.67
CA GLN A 415 -26.50 16.46 -28.50
C GLN A 415 -25.02 16.72 -28.75
N THR A 416 -24.72 17.85 -29.40
CA THR A 416 -23.33 18.28 -29.58
C THR A 416 -22.73 18.74 -28.25
N GLU A 417 -23.55 19.33 -27.38
CA GLU A 417 -23.04 19.74 -26.07
C GLU A 417 -23.24 18.64 -25.02
N TRP A 418 -22.40 18.68 -23.99
CA TRP A 418 -22.54 17.76 -22.88
C TRP A 418 -22.87 18.51 -21.60
N SER A 419 -23.99 18.15 -20.97
CA SER A 419 -24.39 18.77 -19.72
C SER A 419 -24.99 17.73 -18.77
N PRO A 420 -24.66 17.83 -17.46
CA PRO A 420 -23.63 18.72 -16.95
C PRO A 420 -22.25 18.25 -17.38
N PRO A 421 -21.29 19.17 -17.51
CA PRO A 421 -19.95 18.82 -17.97
C PRO A 421 -19.33 17.72 -17.12
N LEU A 422 -18.52 16.88 -17.77
CA LEU A 422 -17.89 15.74 -17.11
C LEU A 422 -16.57 16.12 -16.48
N THR A 423 -16.40 15.78 -15.20
CA THR A 423 -15.19 16.13 -14.48
C THR A 423 -14.31 14.90 -14.29
N MET A 424 -14.75 13.76 -14.80
CA MET A 424 -13.95 12.53 -14.71
C MET A 424 -14.37 11.46 -15.72
N LEU A 425 -13.38 10.77 -16.28
CA LEU A 425 -13.60 9.57 -17.07
C LEU A 425 -12.74 8.44 -16.53
N PHE A 426 -13.27 7.23 -16.57
CA PHE A 426 -12.61 6.07 -15.97
C PHE A 426 -12.98 4.85 -16.80
N LEU A 427 -11.96 4.14 -17.28
CA LEU A 427 -12.16 2.86 -17.95
C LEU A 427 -11.39 1.79 -17.21
N CYS A 428 -12.08 0.71 -16.82
CA CYS A 428 -11.44 -0.35 -16.07
C CYS A 428 -11.78 -1.72 -16.64
N ALA A 429 -10.76 -2.52 -16.87
CA ALA A 429 -10.97 -3.86 -17.34
C ALA A 429 -10.95 -4.82 -16.15
N THR A 430 -11.88 -5.74 -16.14
CA THR A 430 -12.07 -6.60 -14.99
C THR A 430 -12.43 -8.01 -15.38
N LYS A 431 -12.57 -8.87 -14.40
CA LYS A 431 -13.02 -10.22 -14.62
C LYS A 431 -12.15 -11.03 -15.55
N PHE A 432 -10.90 -11.18 -15.15
CA PHE A 432 -9.93 -11.91 -15.91
C PHE A 432 -10.22 -13.40 -15.95
N SER A 433 -9.95 -14.00 -17.09
CA SER A 433 -10.02 -15.44 -17.26
C SER A 433 -8.69 -15.92 -17.82
N ALA A 434 -8.33 -17.16 -17.51
CA ALA A 434 -7.08 -17.71 -18.03
C ALA A 434 -7.14 -17.77 -19.56
N SER A 435 -6.02 -17.47 -20.20
CA SER A 435 -5.94 -17.49 -21.66
C SER A 435 -4.64 -18.13 -22.13
P AS C 9 2.60 4.15 -0.21
OP1 AS C 9 3.80 3.43 0.50
S2P AS C 9 1.91 5.52 1.11
O5' AS C 9 2.93 4.90 -1.57
C5' AS C 9 3.86 4.35 -2.54
C4' AS C 9 3.85 5.18 -3.79
O4' AS C 9 2.49 5.30 -4.28
C3' AS C 9 4.34 6.62 -3.63
O3' AS C 9 5.76 6.69 -3.83
C2' AS C 9 3.61 7.34 -4.74
C1' AS C 9 2.28 6.60 -4.83
N9 AS C 9 1.18 7.22 -4.09
C8 AS C 9 0.88 7.11 -2.76
N7 AS C 9 -0.17 7.80 -2.39
C5 AS C 9 -0.58 8.40 -3.55
C6 AS C 9 -1.67 9.28 -3.85
N6 AS C 9 -2.54 9.69 -2.92
N1 AS C 9 -1.81 9.71 -5.12
C2 AS C 9 -0.93 9.28 -6.04
N3 AS C 9 0.12 8.47 -5.89
C4 AS C 9 0.22 8.07 -4.63
MN MN D . 3.00 1.63 0.63
CA CA E . 6.37 3.05 0.55
MN MN F . 6.35 3.05 0.55
C1 GOL G . -4.33 -0.70 27.75
O1 GOL G . -5.26 0.08 27.03
C2 GOL G . -3.78 -1.90 26.96
O2 GOL G . -3.44 -1.58 25.64
C3 GOL G . -4.75 -3.09 26.95
O3 GOL G . -4.06 -4.24 26.48
C1 GOL H . 12.31 -1.70 -15.29
O1 GOL H . 11.56 -1.69 -14.10
C2 GOL H . 12.59 -3.15 -15.67
O2 GOL H . 11.41 -3.71 -16.22
C3 GOL H . 13.73 -3.19 -16.67
O3 GOL H . 14.07 -4.55 -16.91
C1 GOL I . 21.05 12.09 -18.20
O1 GOL I . 19.78 12.15 -18.81
C2 GOL I . 20.93 12.35 -16.71
O2 GOL I . 19.70 11.85 -16.20
C3 GOL I . 22.08 11.69 -15.95
O3 GOL I . 22.00 12.05 -14.58
PG STP J . 7.14 5.72 2.50
O1G STP J . 6.45 4.39 2.31
O2G STP J . 6.41 6.52 3.58
O3G STP J . 8.61 5.62 2.77
PB STP J . 6.16 6.09 -0.15
O1B STP J . 6.68 4.78 -0.69
O2B STP J . 6.28 7.16 -1.21
O3B STP J . 7.01 6.56 1.14
PA STP J . 3.52 4.93 0.14
S1A STP J . 2.09 5.64 1.21
O2A STP J . 3.98 3.59 0.55
O3A STP J . 4.66 6.03 0.36
O5' STP J . 3.16 5.01 -1.40
C5' STP J . 3.90 4.34 -2.37
C4' STP J . 3.85 5.05 -3.73
O4' STP J . 2.50 5.09 -4.17
C3' STP J . 4.30 6.43 -3.63
O3' STP J . 5.71 6.48 -3.88
C2' STP J . 3.56 7.15 -4.67
C1' STP J . 2.29 6.40 -4.76
N9 STP J . 1.26 7.04 -4.04
C8 STP J . 1.06 7.03 -2.69
N7 STP J . -0.04 7.73 -2.40
C5 STP J . -0.58 8.20 -3.53
C6 STP J . -1.70 8.98 -3.85
N6 STP J . -2.57 9.47 -2.82
N1 STP J . -1.95 9.28 -5.12
C2 STP J . -1.16 8.84 -6.14
N3 STP J . -0.07 8.08 -5.87
C4 STP J . 0.23 7.77 -4.59
P1 DPO K . 6.05 6.21 -0.12
O1 DPO K . 6.47 4.85 -0.59
O2 DPO K . 4.61 6.19 0.32
O3 DPO K . 6.22 7.20 -1.25
O4 DPO K . 6.94 6.66 1.09
P2 DPO K . 7.00 5.81 2.40
O5 DPO K . 6.30 4.49 2.18
O6 DPO K . 6.31 6.57 3.51
O7 DPO K . 8.44 5.58 2.76
#